data_5R5C
#
_entry.id   5R5C
#
_cell.length_a   49.640
_cell.length_b   52.230
_cell.length_c   101.520
_cell.angle_alpha   90.000
_cell.angle_beta   90.000
_cell.angle_gamma   90.000
#
_symmetry.space_group_name_H-M   'P 21 21 21'
#
loop_
_entity.id
_entity.type
_entity.pdbx_description
1 polymer 'Uridine diphosphate glucose pyrophosphatase NUDT22'
2 non-polymer 1-[(4-fluorophenyl)methyl]benzimidazole
3 non-polymer 'DIMETHYL SULFOXIDE'
4 water water
#
_entity_poly.entity_id   1
_entity_poly.type   'polypeptide(L)'
_entity_poly.pdbx_seq_one_letter_code
;SMDPEVTLLLQCPGGGLPQEQIQAELSPAHDRRPLPGGDEAITAIWETRLKAQPWLFDAPKFRLHSATLAPIGSRGPQLL
LRLGLTSYRDFLGTNWSSSAAWLRQQGATDWGDTQAYLADPLGVGAALATADDFLVFLRRSRQVAEAPGLVDVPGGHPEP
QALCPGGSPQHQDLAGQLVVHELFSSVLQEICDEVNLPLLTLSQPLLLGIARNETSAGRASAEFYVQCSLTSEQVRKHYL
SGGPEAHESTGIFFVETQNVRRLPETEMWAELCPSAKGAIILYNRVQGSPTGAALGSPALLPPL
;
_entity_poly.pdbx_strand_id   A
#
loop_
_chem_comp.id
_chem_comp.type
_chem_comp.name
_chem_comp.formula
DMS non-polymer 'DIMETHYL SULFOXIDE' 'C2 H6 O S'
GQP non-polymer 1-[(4-fluorophenyl)methyl]benzimidazole 'C14 H11 F N2'
#
# COMPACT_ATOMS: atom_id res chain seq x y z
N ASP A 3 3.29 -9.75 -14.68
N ASP A 3 2.85 -10.23 -13.86
CA ASP A 3 3.66 -8.53 -13.92
CA ASP A 3 3.59 -8.94 -13.92
C ASP A 3 4.70 -8.91 -12.88
C ASP A 3 4.70 -8.96 -12.88
N PRO A 4 5.99 -9.04 -13.28
CA PRO A 4 7.05 -9.36 -12.32
C PRO A 4 7.30 -8.32 -11.23
N GLU A 5 6.86 -7.06 -11.38
CA GLU A 5 7.25 -6.05 -10.37
C GLU A 5 6.27 -6.07 -9.20
N VAL A 6 5.19 -6.86 -9.26
CA VAL A 6 4.29 -7.01 -8.07
C VAL A 6 3.92 -8.48 -7.79
N THR A 7 3.94 -8.90 -6.51
CA THR A 7 3.53 -10.25 -6.05
C THR A 7 2.46 -10.10 -4.95
N LEU A 8 1.40 -10.92 -4.96
CA LEU A 8 0.36 -10.87 -3.89
C LEU A 8 0.83 -11.71 -2.71
N LEU A 9 0.91 -11.13 -1.52
CA LEU A 9 1.22 -11.88 -0.28
C LEU A 9 -0.08 -12.39 0.35
N LEU A 10 -1.17 -11.63 0.28
CA LEU A 10 -2.48 -11.96 0.93
C LEU A 10 -3.62 -11.48 0.02
N GLN A 11 -4.63 -12.31 -0.25
CA GLN A 11 -5.97 -11.90 -0.76
C GLN A 11 -7.01 -12.14 0.37
N CYS A 12 -7.72 -11.12 0.81
CA CYS A 12 -8.74 -11.22 1.88
C CYS A 12 -10.01 -11.89 1.37
N PRO A 13 -10.67 -12.65 2.26
CA PRO A 13 -11.99 -13.21 1.97
C PRO A 13 -13.16 -12.28 2.29
N GLY A 14 -14.34 -12.70 1.86
CA GLY A 14 -15.62 -12.03 2.17
C GLY A 14 -15.76 -10.68 1.52
N GLY A 15 -15.02 -10.39 0.43
CA GLY A 15 -15.02 -9.07 -0.24
C GLY A 15 -14.16 -8.05 0.51
N GLY A 16 -13.39 -8.47 1.51
CA GLY A 16 -12.44 -7.62 2.25
C GLY A 16 -12.77 -7.54 3.73
N LEU A 17 -11.75 -7.37 4.57
CA LEU A 17 -11.92 -7.45 6.07
C LEU A 17 -12.06 -6.08 6.71
N PRO A 18 -13.08 -5.87 7.58
CA PRO A 18 -13.16 -4.64 8.39
C PRO A 18 -12.14 -4.66 9.53
N GLN A 19 -11.91 -3.50 10.17
CA GLN A 19 -10.96 -3.33 11.29
C GLN A 19 -11.19 -4.35 12.41
N GLU A 20 -12.46 -4.64 12.73
CA GLU A 20 -12.83 -5.46 13.92
C GLU A 20 -12.42 -6.93 13.72
N GLN A 21 -12.09 -7.34 12.49
CA GLN A 21 -11.74 -8.75 12.19
C GLN A 21 -10.22 -8.93 12.07
N ILE A 22 -9.43 -7.90 12.39
CA ILE A 22 -7.95 -8.02 12.26
C ILE A 22 -7.27 -7.84 13.62
N GLN A 23 -6.33 -8.74 13.90
CA GLN A 23 -5.42 -8.71 15.08
C GLN A 23 -4.02 -8.30 14.64
N ALA A 24 -3.29 -7.49 15.41
CA ALA A 24 -1.84 -7.26 15.19
C ALA A 24 -1.06 -7.74 16.41
N GLU A 25 0.13 -8.28 16.17
CA GLU A 25 1.11 -8.67 17.21
C GLU A 25 2.35 -7.82 16.91
N LEU A 26 2.61 -6.83 17.77
CA LEU A 26 3.78 -5.91 17.64
C LEU A 26 4.87 -6.42 18.57
N SER A 27 6.02 -6.81 18.03
CA SER A 27 7.09 -7.52 18.78
C SER A 27 8.46 -7.19 18.19
N PRO A 28 9.49 -6.96 19.04
CA PRO A 28 10.87 -6.82 18.55
C PRO A 28 11.39 -8.08 17.83
N ALA A 29 10.74 -9.24 18.00
CA ALA A 29 11.02 -10.47 17.23
C ALA A 29 10.73 -10.26 15.73
N HIS A 30 9.91 -9.26 15.38
CA HIS A 30 9.45 -8.97 13.99
C HIS A 30 10.30 -7.87 13.33
N ASP A 31 11.37 -7.44 14.00
CA ASP A 31 12.28 -6.37 13.49
C ASP A 31 13.23 -6.91 12.43
N ARG A 32 13.86 -6.02 11.67
CA ARG A 32 14.98 -6.35 10.78
C ARG A 32 16.12 -6.96 11.63
N ARG A 33 16.85 -7.91 11.07
CA ARG A 33 18.09 -8.44 11.68
C ARG A 33 19.23 -7.45 11.40
N PRO A 34 20.15 -7.28 12.38
CA PRO A 34 21.35 -6.47 12.17
C PRO A 34 22.12 -6.98 10.93
N LEU A 35 22.72 -6.09 10.13
CA LEU A 35 23.38 -6.47 8.85
C LEU A 35 24.63 -7.31 9.15
N PRO A 36 25.02 -8.26 8.26
CA PRO A 36 26.17 -9.14 8.53
C PRO A 36 27.44 -8.42 9.04
N GLY A 37 27.78 -7.27 8.45
CA GLY A 37 29.00 -6.49 8.78
C GLY A 37 28.69 -5.30 9.69
N GLY A 38 27.50 -5.27 10.28
CA GLY A 38 27.09 -4.23 11.24
C GLY A 38 26.23 -3.18 10.55
N ASP A 39 25.39 -2.47 11.34
CA ASP A 39 24.47 -1.40 10.85
C ASP A 39 25.25 -0.10 10.57
N GLU A 40 26.57 -0.08 10.75
CA GLU A 40 27.44 1.03 10.30
C GLU A 40 27.26 1.36 8.80
N ALA A 41 26.99 0.38 7.93
CA ALA A 41 26.72 0.60 6.49
C ALA A 41 25.49 1.50 6.32
N ILE A 42 24.48 1.38 7.18
CA ILE A 42 23.22 2.20 7.11
C ILE A 42 23.55 3.64 7.54
N THR A 43 24.25 3.79 8.65
CA THR A 43 24.68 5.07 9.24
C THR A 43 25.50 5.85 8.20
N ALA A 44 26.41 5.19 7.47
CA ALA A 44 27.28 5.83 6.45
C ALA A 44 26.46 6.39 5.26
N ILE A 45 25.51 5.62 4.72
CA ILE A 45 24.57 6.07 3.65
C ILE A 45 23.78 7.30 4.14
N TRP A 46 23.29 7.27 5.38
CA TRP A 46 22.45 8.35 5.96
C TRP A 46 23.29 9.64 6.13
N GLU A 47 24.50 9.50 6.69
CA GLU A 47 25.44 10.67 6.83
C GLU A 47 25.70 11.32 5.49
N THR A 48 25.99 10.52 4.45
CA THR A 48 26.30 10.98 3.07
C THR A 48 25.10 11.78 2.54
N ARG A 49 23.90 11.22 2.74
CA ARG A 49 22.65 11.82 2.24
C ARG A 49 22.39 13.15 2.97
N LEU A 50 22.60 13.23 4.28
CA LEU A 50 22.37 14.48 5.06
C LEU A 50 23.39 15.55 4.65
N LYS A 51 24.61 15.16 4.27
CA LYS A 51 25.63 16.17 3.89
C LYS A 51 25.30 16.81 2.53
N ALA A 52 24.37 16.25 1.76
CA ALA A 52 23.84 16.84 0.49
C ALA A 52 22.50 17.52 0.71
N GLN A 53 21.64 16.94 1.57
CA GLN A 53 20.25 17.40 1.81
C GLN A 53 20.04 17.48 3.32
N PRO A 54 20.66 18.48 3.99
CA PRO A 54 20.62 18.55 5.44
C PRO A 54 19.23 18.82 6.06
N TRP A 55 18.22 19.15 5.25
CA TRP A 55 16.79 19.33 5.69
C TRP A 55 16.04 18.00 5.81
N LEU A 56 16.62 16.87 5.41
CA LEU A 56 15.93 15.56 5.53
C LEU A 56 15.80 15.19 7.01
N PHE A 57 14.73 14.49 7.38
CA PHE A 57 14.58 13.99 8.78
C PHE A 57 14.14 12.52 8.75
N ASP A 58 14.59 11.76 9.76
CA ASP A 58 14.17 10.34 9.97
C ASP A 58 12.72 10.35 10.50
N ALA A 59 12.07 9.20 10.43
CA ALA A 59 10.74 8.96 11.04
C ALA A 59 10.60 7.45 11.26
N PRO A 60 9.94 7.03 12.35
CA PRO A 60 9.66 5.60 12.57
C PRO A 60 8.57 5.13 11.59
N LYS A 61 8.59 3.84 11.30
CA LYS A 61 7.63 3.19 10.38
C LYS A 61 7.28 1.82 10.97
N PHE A 62 6.13 1.27 10.61
CA PHE A 62 5.81 -0.14 10.92
C PHE A 62 6.57 -1.03 9.93
N ARG A 63 7.09 -2.18 10.41
CA ARG A 63 7.69 -3.23 9.54
C ARG A 63 6.69 -4.39 9.43
N LEU A 64 6.38 -4.87 8.22
CA LEU A 64 5.63 -6.12 8.04
C LEU A 64 6.60 -7.29 8.11
N HIS A 65 6.39 -8.22 9.05
CA HIS A 65 7.12 -9.51 9.08
C HIS A 65 6.36 -10.59 8.31
N SER A 66 5.05 -10.75 8.55
CA SER A 66 4.19 -11.84 8.01
C SER A 66 2.72 -11.59 8.36
N ALA A 67 1.80 -12.25 7.64
CA ALA A 67 0.33 -12.08 7.78
C ALA A 67 -0.35 -13.43 7.56
N THR A 68 -0.98 -13.99 8.61
CA THR A 68 -1.61 -15.33 8.57
C THR A 68 -3.14 -15.20 8.55
N LEU A 69 -3.79 -15.73 7.51
CA LEU A 69 -5.26 -15.79 7.41
C LEU A 69 -5.79 -17.04 8.13
N ALA A 70 -6.91 -16.87 8.83
CA ALA A 70 -7.65 -17.97 9.50
C ALA A 70 -8.21 -18.89 8.42
N PRO A 71 -8.64 -20.13 8.76
CA PRO A 71 -9.41 -20.95 7.82
C PRO A 71 -10.67 -20.22 7.33
N ILE A 72 -10.91 -20.21 6.01
CA ILE A 72 -12.06 -19.45 5.43
C ILE A 72 -13.37 -19.97 6.06
N GLY A 73 -14.26 -19.03 6.35
CA GLY A 73 -15.63 -19.30 6.85
C GLY A 73 -15.71 -19.39 8.36
N SER A 74 -14.61 -19.19 9.06
CA SER A 74 -14.52 -19.38 10.53
C SER A 74 -15.06 -18.12 11.24
N ARG A 75 -15.33 -18.29 12.54
CA ARG A 75 -15.76 -17.21 13.46
C ARG A 75 -14.50 -16.67 14.15
N GLY A 76 -14.59 -15.48 14.73
CA GLY A 76 -13.45 -14.86 15.43
C GLY A 76 -12.56 -14.12 14.45
N PRO A 77 -11.40 -13.60 14.93
CA PRO A 77 -10.47 -12.83 14.09
C PRO A 77 -10.00 -13.63 12.88
N GLN A 78 -10.00 -12.99 11.72
CA GLN A 78 -9.76 -13.66 10.42
C GLN A 78 -8.31 -13.45 9.97
N LEU A 79 -7.58 -12.46 10.50
CA LEU A 79 -6.19 -12.19 10.05
C LEU A 79 -5.34 -11.83 11.26
N LEU A 80 -4.12 -12.33 11.29
CA LEU A 80 -3.07 -11.87 12.25
C LEU A 80 -1.93 -11.19 11.46
N LEU A 81 -1.66 -9.91 11.73
CA LEU A 81 -0.49 -9.17 11.18
C LEU A 81 0.64 -9.25 12.20
N ARG A 82 1.81 -9.74 11.82
CA ARG A 82 3.04 -9.71 12.66
C ARG A 82 3.88 -8.53 12.22
N LEU A 83 4.07 -7.57 13.12
CA LEU A 83 4.65 -6.24 12.84
C LEU A 83 5.81 -6.00 13.79
N GLY A 84 6.82 -5.33 13.28
CA GLY A 84 7.92 -4.77 14.07
C GLY A 84 8.02 -3.28 13.83
N LEU A 85 9.17 -2.72 14.16
CA LEU A 85 9.44 -1.28 13.92
C LEU A 85 10.68 -1.16 13.05
N THR A 86 10.63 -0.18 12.15
CA THR A 86 11.76 0.24 11.27
C THR A 86 11.75 1.77 11.18
N SER A 87 12.38 2.33 10.15
CA SER A 87 12.53 3.78 9.99
C SER A 87 12.81 4.10 8.53
N TYR A 88 12.64 5.37 8.16
CA TYR A 88 12.97 5.93 6.83
C TYR A 88 14.46 5.74 6.56
N ARG A 89 15.31 6.03 7.55
CA ARG A 89 16.80 5.85 7.45
C ARG A 89 17.17 4.40 7.11
N ASP A 90 16.56 3.43 7.80
CA ASP A 90 16.86 1.99 7.59
C ASP A 90 16.39 1.60 6.17
N PHE A 91 15.24 2.12 5.75
CA PHE A 91 14.74 1.94 4.36
C PHE A 91 15.82 2.39 3.34
N LEU A 92 16.35 3.60 3.50
CA LEU A 92 17.30 4.20 2.51
C LEU A 92 18.63 3.41 2.50
N GLY A 93 18.95 2.75 3.63
CA GLY A 93 20.17 1.93 3.77
C GLY A 93 20.02 0.47 3.35
N THR A 94 18.81 -0.02 3.05
CA THR A 94 18.57 -1.46 2.76
C THR A 94 17.75 -1.59 1.48
N ASN A 95 16.42 -1.46 1.54
CA ASN A 95 15.55 -1.61 0.34
C ASN A 95 15.99 -0.73 -0.84
N TRP A 96 16.43 0.51 -0.56
CA TRP A 96 16.78 1.53 -1.59
C TRP A 96 18.29 1.55 -1.87
N SER A 97 19.05 0.66 -1.23
CA SER A 97 20.51 0.47 -1.50
C SER A 97 20.74 -0.20 -2.87
N SER A 98 21.84 0.13 -3.55
CA SER A 98 22.17 -0.48 -4.87
C SER A 98 22.44 -1.99 -4.66
N SER A 99 22.85 -2.37 -3.45
N SER A 99 22.87 -2.37 -3.46
CA SER A 99 23.19 -3.76 -3.06
CA SER A 99 23.20 -3.78 -3.08
C SER A 99 22.01 -4.49 -2.41
C SER A 99 22.01 -4.48 -2.40
N ALA A 100 20.77 -3.99 -2.58
CA ALA A 100 19.57 -4.63 -1.98
C ALA A 100 19.46 -6.12 -2.41
N ALA A 101 19.81 -6.46 -3.65
CA ALA A 101 19.67 -7.87 -4.11
C ALA A 101 20.67 -8.74 -3.33
N TRP A 102 21.86 -8.22 -3.02
CA TRP A 102 22.90 -8.96 -2.25
C TRP A 102 22.38 -9.24 -0.84
N LEU A 103 21.71 -8.26 -0.21
CA LEU A 103 21.09 -8.41 1.14
C LEU A 103 20.01 -9.50 1.11
N ARG A 104 19.19 -9.56 0.05
CA ARG A 104 18.15 -10.62 -0.09
C ARG A 104 18.79 -12.02 -0.18
N GLN A 105 19.84 -12.18 -0.97
CA GLN A 105 20.54 -13.50 -1.12
C GLN A 105 21.15 -13.92 0.24
N GLN A 106 21.80 -12.99 0.95
N GLN A 106 21.79 -12.99 0.95
CA GLN A 106 22.44 -13.25 2.27
CA GLN A 106 22.44 -13.25 2.27
C GLN A 106 21.37 -13.60 3.31
C GLN A 106 21.38 -13.60 3.32
N GLY A 107 20.20 -12.95 3.24
CA GLY A 107 19.07 -13.27 4.13
C GLY A 107 18.57 -14.71 3.89
N ALA A 108 18.49 -15.14 2.64
CA ALA A 108 18.15 -16.55 2.29
C ALA A 108 19.19 -17.49 2.89
N THR A 109 20.48 -17.19 2.73
CA THR A 109 21.64 -18.00 3.22
C THR A 109 21.58 -18.12 4.75
N ASP A 110 21.51 -17.00 5.46
CA ASP A 110 21.74 -16.90 6.92
C ASP A 110 20.47 -17.28 7.68
N TRP A 111 19.27 -16.91 7.21
CA TRP A 111 18.01 -16.93 8.00
C TRP A 111 16.90 -17.70 7.27
N GLY A 112 17.15 -18.24 6.07
CA GLY A 112 16.06 -18.77 5.20
C GLY A 112 14.94 -17.76 5.01
N ASP A 113 15.28 -16.48 4.82
CA ASP A 113 14.28 -15.37 4.74
C ASP A 113 14.88 -14.24 3.89
N THR A 114 14.41 -14.08 2.64
CA THR A 114 14.96 -13.07 1.68
C THR A 114 14.83 -11.67 2.29
N GLN A 115 13.88 -11.45 3.20
CA GLN A 115 13.62 -10.09 3.76
C GLN A 115 14.38 -9.81 5.08
N ALA A 116 15.16 -10.75 5.66
CA ALA A 116 15.64 -10.67 7.07
C ALA A 116 16.50 -9.42 7.30
N TYR A 117 17.25 -9.00 6.28
CA TYR A 117 18.14 -7.82 6.38
C TYR A 117 17.51 -6.55 5.77
N LEU A 118 16.19 -6.55 5.50
CA LEU A 118 15.53 -5.40 4.81
C LEU A 118 14.58 -4.69 5.79
N ALA A 119 14.58 -3.36 5.75
CA ALA A 119 13.68 -2.52 6.60
C ALA A 119 12.20 -2.92 6.37
N ASP A 120 11.78 -3.02 5.11
CA ASP A 120 10.41 -3.42 4.71
C ASP A 120 9.35 -2.61 5.46
N PRO A 121 9.40 -1.27 5.41
CA PRO A 121 8.30 -0.43 5.94
C PRO A 121 6.95 -0.74 5.25
N LEU A 122 5.88 -0.84 6.03
CA LEU A 122 4.51 -1.15 5.54
C LEU A 122 3.86 0.12 4.97
N GLY A 123 3.56 0.12 3.67
CA GLY A 123 2.74 1.17 3.03
C GLY A 123 1.26 0.88 3.09
N VAL A 124 0.42 1.91 2.89
CA VAL A 124 -1.05 1.74 2.70
C VAL A 124 -1.43 2.39 1.35
N GLY A 125 -2.42 1.81 0.68
CA GLY A 125 -3.00 2.38 -0.56
C GLY A 125 -4.48 2.13 -0.63
N ALA A 126 -5.21 2.89 -1.46
CA ALA A 126 -6.68 2.75 -1.57
C ALA A 126 -7.11 2.66 -3.04
N ALA A 127 -7.96 1.68 -3.33
CA ALA A 127 -8.97 1.74 -4.40
C ALA A 127 -10.13 2.58 -3.89
N LEU A 128 -10.17 3.84 -4.32
CA LEU A 128 -11.18 4.84 -3.87
C LEU A 128 -12.25 5.02 -4.95
N ALA A 129 -13.50 4.63 -4.64
CA ALA A 129 -14.63 4.61 -5.60
C ALA A 129 -15.51 5.83 -5.35
N THR A 130 -16.01 6.45 -6.42
CA THR A 130 -16.93 7.62 -6.33
C THR A 130 -18.39 7.13 -6.34
N ALA A 131 -19.33 8.04 -6.03
CA ALA A 131 -20.77 7.71 -5.97
C ALA A 131 -21.26 7.31 -7.36
N ASP A 132 -20.62 7.80 -8.42
CA ASP A 132 -20.99 7.56 -9.85
C ASP A 132 -20.13 6.45 -10.48
N ASP A 133 -19.47 5.62 -9.65
N ASP A 133 -19.42 5.66 -9.67
CA ASP A 133 -18.81 4.33 -9.99
CA ASP A 133 -18.85 4.34 -10.07
C ASP A 133 -17.58 4.57 -10.88
C ASP A 133 -17.52 4.49 -10.83
N PHE A 134 -16.65 5.40 -10.39
CA PHE A 134 -15.27 5.52 -10.94
C PHE A 134 -14.27 5.21 -9.81
N LEU A 135 -13.09 4.70 -10.15
CA LEU A 135 -11.91 4.74 -9.25
C LEU A 135 -11.06 5.98 -9.53
N VAL A 136 -10.40 6.47 -8.48
CA VAL A 136 -9.55 7.69 -8.51
C VAL A 136 -8.09 7.36 -8.74
N PHE A 137 -7.43 8.05 -9.68
CA PHE A 137 -5.98 7.95 -9.99
C PHE A 137 -5.29 9.33 -9.87
N LEU A 138 -4.00 9.32 -9.54
CA LEU A 138 -3.13 10.54 -9.35
C LEU A 138 -1.89 10.43 -10.20
N ARG A 139 -1.43 11.56 -10.75
CA ARG A 139 -0.17 11.58 -11.54
C ARG A 139 0.97 12.03 -10.63
N ARG A 140 2.06 11.27 -10.59
CA ARG A 140 3.25 11.55 -9.76
C ARG A 140 4.10 12.61 -10.48
N SER A 141 4.61 13.58 -9.71
CA SER A 141 5.68 14.52 -10.15
C SER A 141 6.81 13.76 -10.86
N ARG A 142 7.46 14.40 -11.84
CA ARG A 142 8.62 13.84 -12.59
C ARG A 142 9.94 14.15 -11.86
N GLN A 143 9.87 14.81 -10.69
CA GLN A 143 11.06 15.33 -9.93
C GLN A 143 11.34 14.47 -8.68
N VAL A 144 10.48 13.51 -8.32
CA VAL A 144 10.66 12.69 -7.10
C VAL A 144 11.54 11.47 -7.41
N ALA A 145 12.05 10.82 -6.36
CA ALA A 145 13.06 9.74 -6.44
C ALA A 145 12.43 8.45 -6.93
N GLU A 146 11.23 8.12 -6.41
CA GLU A 146 10.54 6.83 -6.67
C GLU A 146 9.46 7.00 -7.73
N ALA A 147 9.51 6.16 -8.76
CA ALA A 147 8.49 6.04 -9.82
C ALA A 147 8.12 7.42 -10.34
N PRO A 148 9.10 8.27 -10.75
CA PRO A 148 8.77 9.61 -11.24
C PRO A 148 7.83 9.56 -12.46
N GLY A 149 6.85 10.44 -12.47
CA GLY A 149 5.95 10.62 -13.63
C GLY A 149 4.97 9.47 -13.85
N LEU A 150 4.88 8.51 -12.92
CA LEU A 150 3.98 7.34 -13.10
C LEU A 150 2.61 7.63 -12.47
N VAL A 151 1.61 6.81 -12.82
CA VAL A 151 0.26 6.90 -12.20
C VAL A 151 0.29 6.19 -10.84
N ASP A 152 -0.36 6.76 -9.84
CA ASP A 152 -0.51 6.15 -8.49
C ASP A 152 -1.99 6.16 -8.06
N VAL A 153 -2.28 5.56 -6.89
CA VAL A 153 -3.58 5.70 -6.17
C VAL A 153 -3.27 6.42 -4.86
N PRO A 154 -4.27 6.95 -4.11
CA PRO A 154 -3.99 7.56 -2.81
C PRO A 154 -3.32 6.59 -1.82
N GLY A 155 -2.38 7.09 -1.02
CA GLY A 155 -1.80 6.28 0.06
C GLY A 155 -0.55 6.92 0.62
N GLY A 156 0.19 6.17 1.43
CA GLY A 156 1.38 6.66 2.13
C GLY A 156 2.03 5.59 2.98
N HIS A 157 2.90 6.01 3.90
CA HIS A 157 3.64 5.14 4.85
C HIS A 157 3.36 5.62 6.27
N PRO A 158 2.38 5.02 7.00
CA PRO A 158 2.02 5.51 8.32
C PRO A 158 3.09 5.37 9.41
N GLU A 159 2.99 6.25 10.40
CA GLU A 159 4.00 6.49 11.47
C GLU A 159 3.41 6.05 12.81
N PRO A 160 4.12 5.16 13.52
CA PRO A 160 3.77 4.78 14.90
C PRO A 160 3.56 5.94 15.90
N GLN A 161 2.52 5.82 16.75
CA GLN A 161 1.90 6.85 17.63
C GLN A 161 2.23 8.28 17.16
N ASP A 173 -3.01 -8.51 21.55
CA ASP A 173 -3.87 -7.56 20.78
C ASP A 173 -4.10 -6.28 21.58
N LEU A 174 -3.29 -6.00 22.63
CA LEU A 174 -3.59 -4.88 23.56
C LEU A 174 -2.81 -3.62 23.20
N ALA A 175 -1.57 -3.70 22.74
CA ALA A 175 -0.98 -2.65 21.85
C ALA A 175 -1.44 -2.93 20.40
N GLY A 176 -1.74 -4.20 20.05
CA GLY A 176 -2.19 -4.65 18.72
C GLY A 176 -3.39 -3.88 18.17
N GLN A 177 -4.46 -3.74 18.97
CA GLN A 177 -5.74 -3.15 18.49
C GLN A 177 -5.50 -1.67 18.18
N LEU A 178 -4.57 -1.03 18.89
CA LEU A 178 -4.30 0.41 18.64
C LEU A 178 -3.54 0.52 17.32
N VAL A 179 -2.67 -0.44 17.02
CA VAL A 179 -1.91 -0.43 15.74
C VAL A 179 -2.86 -0.68 14.56
N VAL A 180 -3.77 -1.64 14.65
CA VAL A 180 -4.76 -1.86 13.55
C VAL A 180 -5.57 -0.56 13.34
N HIS A 181 -6.01 0.09 14.41
CA HIS A 181 -6.76 1.38 14.33
C HIS A 181 -5.95 2.44 13.57
N GLU A 182 -4.64 2.57 13.86
N GLU A 182 -4.65 2.54 13.88
CA GLU A 182 -3.79 3.58 13.19
CA GLU A 182 -3.69 3.49 13.26
C GLU A 182 -3.63 3.22 11.70
C GLU A 182 -3.58 3.21 11.75
N LEU A 183 -3.52 1.93 11.35
CA LEU A 183 -3.45 1.55 9.91
C LEU A 183 -4.73 2.01 9.16
N PHE A 184 -5.92 1.68 9.64
CA PHE A 184 -7.20 2.05 9.00
C PHE A 184 -7.38 3.58 8.98
N SER A 185 -7.11 4.24 10.11
N SER A 185 -7.08 4.27 10.09
CA SER A 185 -7.15 5.71 10.26
CA SER A 185 -7.22 5.75 10.19
C SER A 185 -6.25 6.37 9.20
C SER A 185 -6.22 6.43 9.25
N SER A 186 -5.02 5.86 9.04
CA SER A 186 -3.98 6.46 8.16
C SER A 186 -4.43 6.48 6.69
N VAL A 187 -5.14 5.47 6.18
CA VAL A 187 -5.52 5.50 4.75
C VAL A 187 -6.59 6.59 4.53
N LEU A 188 -7.51 6.81 5.48
CA LEU A 188 -8.48 7.94 5.40
C LEU A 188 -7.74 9.29 5.47
N GLN A 189 -6.78 9.41 6.38
CA GLN A 189 -6.05 10.68 6.58
C GLN A 189 -5.28 10.99 5.29
N GLU A 190 -4.67 9.99 4.63
CA GLU A 190 -3.91 10.17 3.36
C GLU A 190 -4.87 10.63 2.25
N ILE A 191 -6.08 10.08 2.18
CA ILE A 191 -7.11 10.55 1.22
C ILE A 191 -7.50 12.02 1.49
N CYS A 192 -7.83 12.38 2.73
CA CYS A 192 -8.13 13.80 3.14
C CYS A 192 -6.94 14.73 2.80
N ASP A 193 -5.71 14.35 3.08
CA ASP A 193 -4.52 15.23 2.87
C ASP A 193 -4.23 15.43 1.37
N GLU A 194 -4.34 14.40 0.52
CA GLU A 194 -3.88 14.48 -0.89
C GLU A 194 -5.05 14.80 -1.83
N VAL A 195 -6.27 14.27 -1.58
CA VAL A 195 -7.41 14.43 -2.52
C VAL A 195 -8.23 15.64 -2.03
N ASN A 196 -8.05 16.07 -0.78
CA ASN A 196 -8.70 17.26 -0.20
C ASN A 196 -10.20 16.98 0.01
N LEU A 197 -10.57 15.74 0.32
CA LEU A 197 -11.96 15.34 0.59
C LEU A 197 -12.27 15.50 2.08
N PRO A 198 -13.53 15.88 2.42
CA PRO A 198 -13.98 15.83 3.81
C PRO A 198 -14.04 14.38 4.29
N LEU A 199 -13.58 14.16 5.52
CA LEU A 199 -13.52 12.82 6.18
C LEU A 199 -14.92 12.21 6.20
N LEU A 200 -15.95 13.03 6.42
CA LEU A 200 -17.36 12.52 6.50
C LEU A 200 -17.90 12.05 5.16
N THR A 201 -17.23 12.27 4.03
CA THR A 201 -17.70 11.72 2.73
C THR A 201 -17.13 10.29 2.50
N LEU A 202 -16.33 9.76 3.42
CA LEU A 202 -15.58 8.46 3.23
C LEU A 202 -16.17 7.33 4.11
N SER A 203 -16.36 6.13 3.54
CA SER A 203 -16.73 4.88 4.26
C SER A 203 -15.58 4.38 5.14
N GLN A 204 -15.89 3.56 6.14
CA GLN A 204 -14.82 2.83 6.86
C GLN A 204 -14.12 1.92 5.83
N PRO A 205 -12.77 1.90 5.80
CA PRO A 205 -12.08 1.05 4.82
C PRO A 205 -12.29 -0.46 5.06
N LEU A 206 -12.15 -1.22 3.97
CA LEU A 206 -12.04 -2.70 4.02
C LEU A 206 -10.65 -3.08 3.50
N LEU A 207 -9.93 -3.92 4.25
CA LEU A 207 -8.63 -4.46 3.75
C LEU A 207 -8.89 -5.46 2.61
N LEU A 208 -8.37 -5.22 1.40
CA LEU A 208 -8.45 -6.16 0.26
C LEU A 208 -7.34 -7.21 0.31
N GLY A 209 -6.11 -6.83 0.71
CA GLY A 209 -4.98 -7.75 0.71
C GLY A 209 -3.68 -7.01 0.91
N ILE A 210 -2.57 -7.73 0.70
CA ILE A 210 -1.21 -7.18 0.80
C ILE A 210 -0.45 -7.54 -0.47
N ALA A 211 0.22 -6.54 -1.05
CA ALA A 211 1.00 -6.70 -2.30
C ALA A 211 2.44 -6.31 -1.99
N ARG A 212 3.41 -6.98 -2.63
CA ARG A 212 4.85 -6.64 -2.54
C ARG A 212 5.34 -5.97 -3.84
N ASN A 213 6.19 -4.95 -3.73
CA ASN A 213 6.89 -4.19 -4.82
C ASN A 213 8.27 -4.81 -5.02
N GLU A 214 8.44 -5.71 -5.99
CA GLU A 214 9.74 -6.36 -6.32
C GLU A 214 10.76 -5.35 -6.92
N THR A 215 10.36 -4.14 -7.29
CA THR A 215 11.30 -3.09 -7.77
C THR A 215 11.89 -2.37 -6.56
N SER A 216 11.28 -2.50 -5.38
CA SER A 216 11.78 -1.94 -4.10
C SER A 216 12.16 -3.05 -3.13
N ALA A 217 12.75 -4.15 -3.64
CA ALA A 217 13.32 -5.30 -2.90
C ALA A 217 12.26 -5.98 -2.03
N GLY A 218 10.99 -5.93 -2.44
CA GLY A 218 9.95 -6.74 -1.80
C GLY A 218 9.15 -5.99 -0.74
N ARG A 219 9.31 -4.68 -0.57
CA ARG A 219 8.53 -4.02 0.52
C ARG A 219 7.03 -4.02 0.17
N ALA A 220 6.22 -4.16 1.21
CA ALA A 220 4.79 -4.55 1.09
C ALA A 220 3.92 -3.32 1.37
N SER A 221 2.75 -3.29 0.75
CA SER A 221 1.70 -2.30 1.04
C SER A 221 0.39 -3.05 1.30
N ALA A 222 -0.32 -2.64 2.35
CA ALA A 222 -1.73 -3.03 2.58
C ALA A 222 -2.62 -2.20 1.65
N GLU A 223 -3.48 -2.86 0.88
CA GLU A 223 -4.37 -2.22 -0.11
C GLU A 223 -5.83 -2.30 0.38
N PHE A 224 -6.53 -1.16 0.42
CA PHE A 224 -7.88 -1.01 1.05
C PHE A 224 -8.90 -0.55 0.00
N TYR A 225 -10.19 -0.85 0.20
CA TYR A 225 -11.31 -0.29 -0.60
C TYR A 225 -12.00 0.77 0.26
N VAL A 226 -12.20 1.96 -0.30
CA VAL A 226 -12.93 3.09 0.35
C VAL A 226 -13.93 3.64 -0.66
N GLN A 227 -15.17 3.84 -0.22
N GLN A 227 -15.19 3.79 -0.23
CA GLN A 227 -16.26 4.43 -1.04
CA GLN A 227 -16.26 4.44 -1.02
C GLN A 227 -16.50 5.88 -0.59
C GLN A 227 -16.37 5.91 -0.60
N CYS A 228 -16.63 6.80 -1.56
CA CYS A 228 -16.88 8.24 -1.32
C CYS A 228 -18.33 8.56 -1.72
N SER A 229 -19.02 9.40 -0.95
CA SER A 229 -20.42 9.82 -1.24
C SER A 229 -20.48 10.91 -2.32
N LEU A 230 -19.33 11.47 -2.74
CA LEU A 230 -19.26 12.47 -3.83
C LEU A 230 -19.09 11.77 -5.19
N THR A 231 -19.60 12.40 -6.24
CA THR A 231 -19.38 12.07 -7.67
C THR A 231 -17.95 12.42 -8.10
N SER A 232 -17.47 11.85 -9.19
CA SER A 232 -16.16 12.17 -9.80
C SER A 232 -16.02 13.69 -9.99
N GLU A 233 -17.06 14.37 -10.49
CA GLU A 233 -17.00 15.84 -10.77
C GLU A 233 -16.77 16.59 -9.45
N GLN A 234 -17.50 16.25 -8.39
CA GLN A 234 -17.31 16.85 -7.05
C GLN A 234 -15.91 16.53 -6.51
N VAL A 235 -15.40 15.30 -6.68
CA VAL A 235 -14.05 14.91 -6.17
C VAL A 235 -12.99 15.78 -6.87
N ARG A 236 -13.09 15.94 -8.18
CA ARG A 236 -12.16 16.80 -8.98
C ARG A 236 -12.17 18.22 -8.44
N LYS A 237 -13.36 18.78 -8.19
CA LYS A 237 -13.51 20.18 -7.71
C LYS A 237 -12.73 20.31 -6.40
N HIS A 238 -12.94 19.36 -5.47
CA HIS A 238 -12.27 19.40 -4.13
C HIS A 238 -10.76 19.34 -4.31
N TYR A 239 -10.24 18.39 -5.09
CA TYR A 239 -8.78 18.23 -5.35
C TYR A 239 -8.21 19.55 -5.90
N LEU A 240 -8.82 20.12 -6.94
CA LEU A 240 -8.28 21.33 -7.64
C LEU A 240 -8.40 22.56 -6.73
N SER A 241 -9.45 22.65 -5.91
CA SER A 241 -9.72 23.84 -5.06
C SER A 241 -8.65 23.99 -3.97
N GLY A 242 -7.83 22.97 -3.72
CA GLY A 242 -6.67 23.11 -2.81
C GLY A 242 -5.53 23.91 -3.43
N GLY A 243 -5.43 23.92 -4.76
CA GLY A 243 -4.33 24.62 -5.48
C GLY A 243 -3.07 23.76 -5.53
N PRO A 244 -2.04 24.17 -6.31
CA PRO A 244 -0.83 23.37 -6.47
C PRO A 244 -0.11 22.94 -5.18
N GLU A 245 -0.20 23.75 -4.10
CA GLU A 245 0.49 23.47 -2.79
C GLU A 245 -0.31 22.52 -1.89
N ALA A 246 -1.55 22.16 -2.24
CA ALA A 246 -2.37 21.28 -1.37
C ALA A 246 -2.14 19.80 -1.71
N HIS A 247 -1.38 19.46 -2.76
CA HIS A 247 -1.17 18.03 -3.15
C HIS A 247 0.24 17.82 -3.68
N GLU A 248 0.80 16.62 -3.53
CA GLU A 248 2.16 16.25 -4.03
C GLU A 248 2.04 15.78 -5.49
N SER A 249 0.91 15.21 -5.87
CA SER A 249 0.60 14.82 -7.27
C SER A 249 0.46 16.09 -8.14
N THR A 250 0.54 15.91 -9.46
CA THR A 250 0.40 17.00 -10.46
C THR A 250 -0.93 16.93 -11.23
N GLY A 251 -1.77 15.91 -11.00
CA GLY A 251 -3.09 15.80 -11.65
C GLY A 251 -3.90 14.65 -11.05
N ILE A 252 -5.23 14.68 -11.26
CA ILE A 252 -6.22 13.64 -10.87
C ILE A 252 -6.99 13.21 -12.13
N PHE A 253 -7.41 11.96 -12.17
CA PHE A 253 -8.28 11.45 -13.25
C PHE A 253 -9.04 10.22 -12.75
N PHE A 254 -10.04 9.79 -13.52
CA PHE A 254 -11.03 8.77 -13.08
C PHE A 254 -11.23 7.73 -14.20
N VAL A 255 -11.37 6.46 -13.82
CA VAL A 255 -11.69 5.34 -14.76
C VAL A 255 -12.96 4.65 -14.26
N GLU A 256 -13.91 4.42 -15.13
CA GLU A 256 -15.16 3.71 -14.74
C GLU A 256 -14.77 2.35 -14.16
N THR A 257 -15.46 1.89 -13.09
CA THR A 257 -15.18 0.54 -12.52
C THR A 257 -15.43 -0.54 -13.58
N GLN A 258 -16.36 -0.28 -14.49
CA GLN A 258 -16.58 -1.16 -15.68
C GLN A 258 -15.26 -1.48 -16.41
N ASN A 259 -14.44 -0.46 -16.62
CA ASN A 259 -13.20 -0.51 -17.45
C ASN A 259 -11.97 -0.92 -16.60
N VAL A 260 -12.05 -0.88 -15.27
CA VAL A 260 -10.92 -1.32 -14.38
C VAL A 260 -10.69 -2.83 -14.55
N ARG A 261 -11.77 -3.60 -14.77
CA ARG A 261 -11.72 -5.05 -15.10
C ARG A 261 -10.61 -5.36 -16.12
N ARG A 262 -10.43 -4.60 -17.20
CA ARG A 262 -9.47 -4.93 -18.30
C ARG A 262 -8.27 -3.95 -18.32
N LEU A 263 -8.06 -3.20 -17.24
CA LEU A 263 -6.93 -2.23 -17.17
C LEU A 263 -5.58 -2.88 -17.49
N PRO A 264 -5.26 -4.13 -17.07
CA PRO A 264 -3.97 -4.74 -17.41
C PRO A 264 -3.75 -4.98 -18.92
N GLU A 265 -4.79 -4.82 -19.74
CA GLU A 265 -4.70 -4.96 -21.21
C GLU A 265 -4.56 -3.59 -21.88
N THR A 266 -4.57 -2.49 -21.12
CA THR A 266 -4.54 -1.11 -21.66
C THR A 266 -3.11 -0.57 -21.68
N GLU A 267 -2.91 0.52 -22.40
CA GLU A 267 -1.62 1.29 -22.42
C GLU A 267 -1.39 1.98 -21.07
N MET A 268 -2.44 2.18 -20.25
CA MET A 268 -2.31 2.79 -18.90
C MET A 268 -1.44 1.86 -18.02
N TRP A 269 -1.50 0.56 -18.25
CA TRP A 269 -0.88 -0.44 -17.31
C TRP A 269 0.63 -0.20 -17.21
N ALA A 270 1.31 0.14 -18.31
CA ALA A 270 2.76 0.42 -18.33
C ALA A 270 3.11 1.71 -17.57
N GLU A 271 2.14 2.59 -17.34
CA GLU A 271 2.40 3.86 -16.60
C GLU A 271 2.05 3.71 -15.11
N LEU A 272 1.48 2.59 -14.66
CA LEU A 272 1.11 2.43 -13.23
C LEU A 272 2.33 2.01 -12.41
N CYS A 273 2.61 2.69 -11.32
CA CYS A 273 3.63 2.27 -10.33
C CYS A 273 3.22 0.93 -9.70
N PRO A 274 4.20 0.09 -9.30
CA PRO A 274 3.91 -1.25 -8.77
C PRO A 274 2.87 -1.30 -7.62
N SER A 275 2.92 -0.39 -6.66
CA SER A 275 1.97 -0.44 -5.52
C SER A 275 0.54 -0.13 -5.99
N ALA A 276 0.35 0.76 -6.99
CA ALA A 276 -0.98 1.01 -7.61
C ALA A 276 -1.43 -0.24 -8.41
N LYS A 277 -0.54 -0.93 -9.13
CA LYS A 277 -0.91 -2.20 -9.80
C LYS A 277 -1.46 -3.20 -8.77
N GLY A 278 -0.83 -3.26 -7.59
CA GLY A 278 -1.27 -4.12 -6.48
C GLY A 278 -2.69 -3.81 -6.03
N ALA A 279 -2.98 -2.52 -5.81
CA ALA A 279 -4.34 -2.05 -5.46
C ALA A 279 -5.35 -2.48 -6.52
N ILE A 280 -5.05 -2.30 -7.80
CA ILE A 280 -6.03 -2.61 -8.88
C ILE A 280 -6.22 -4.13 -9.04
N ILE A 281 -5.16 -4.94 -9.02
CA ILE A 281 -5.29 -6.44 -9.05
C ILE A 281 -6.18 -6.91 -7.88
N LEU A 282 -5.92 -6.40 -6.66
CA LEU A 282 -6.70 -6.84 -5.47
C LEU A 282 -8.16 -6.36 -5.61
N TYR A 283 -8.43 -5.13 -6.08
CA TYR A 283 -9.79 -4.62 -6.31
C TYR A 283 -10.51 -5.60 -7.26
N ASN A 284 -9.87 -5.95 -8.38
CA ASN A 284 -10.50 -6.84 -9.39
C ASN A 284 -10.79 -8.24 -8.80
N ARG A 285 -9.91 -8.78 -7.95
CA ARG A 285 -10.09 -10.15 -7.41
C ARG A 285 -11.11 -10.18 -6.27
N VAL A 286 -11.13 -9.14 -5.42
CA VAL A 286 -11.84 -9.15 -4.11
C VAL A 286 -13.17 -8.39 -4.20
N GLN A 287 -13.23 -7.21 -4.82
CA GLN A 287 -14.51 -6.45 -4.99
C GLN A 287 -15.19 -6.83 -6.32
N GLY A 288 -14.46 -6.97 -7.42
CA GLY A 288 -15.03 -7.51 -8.67
C GLY A 288 -15.18 -9.03 -8.57
N SER A 289 -15.13 -9.73 -9.72
CA SER A 289 -15.15 -11.22 -9.86
C SER A 289 -16.32 -11.79 -9.05
N PRO A 290 -17.58 -11.58 -9.51
CA PRO A 290 -18.77 -12.03 -8.77
C PRO A 290 -18.89 -13.57 -8.74
N THR A 291 -19.41 -14.10 -7.63
CA THR A 291 -19.49 -15.55 -7.29
C THR A 291 -20.92 -16.08 -7.48
N GLY A 292 -21.93 -15.22 -7.60
CA GLY A 292 -23.36 -15.61 -7.58
C GLY A 292 -23.98 -15.58 -8.97
N ALA A 293 -25.14 -16.24 -9.13
CA ALA A 293 -25.85 -16.47 -10.42
C ALA A 293 -26.25 -15.13 -11.06
N ALA A 294 -26.77 -14.19 -10.27
CA ALA A 294 -27.29 -12.87 -10.72
C ALA A 294 -26.18 -11.98 -11.34
N LEU A 295 -25.15 -11.61 -10.57
CA LEU A 295 -24.03 -10.73 -11.05
C LEU A 295 -23.13 -11.49 -12.04
N GLY A 296 -23.20 -12.83 -12.01
CA GLY A 296 -22.43 -13.75 -12.87
C GLY A 296 -23.06 -13.98 -14.24
N SER A 297 -24.35 -13.67 -14.41
CA SER A 297 -25.15 -13.79 -15.67
C SER A 297 -24.44 -13.07 -16.83
N PRO A 298 -24.38 -13.65 -18.06
CA PRO A 298 -23.69 -13.06 -19.22
C PRO A 298 -23.89 -11.56 -19.56
N ALA A 299 -25.12 -11.03 -19.48
CA ALA A 299 -25.43 -9.60 -19.76
C ALA A 299 -24.72 -8.69 -18.73
N LEU A 300 -24.60 -9.13 -17.46
CA LEU A 300 -23.95 -8.32 -16.37
C LEU A 300 -22.45 -8.60 -16.29
N LEU A 301 -21.98 -9.81 -16.65
CA LEU A 301 -20.52 -10.14 -16.68
C LEU A 301 -20.14 -10.58 -18.09
N PRO A 302 -19.94 -9.62 -19.02
CA PRO A 302 -19.69 -9.94 -20.43
C PRO A 302 -18.44 -10.83 -20.63
N PRO A 303 -18.56 -12.00 -21.29
CA PRO A 303 -17.41 -12.86 -21.58
C PRO A 303 -16.25 -12.17 -22.34
N LEU A 304 -15.02 -12.39 -21.87
CA LEU A 304 -13.74 -12.08 -22.55
C LEU A 304 -13.37 -10.62 -22.30
N1 GQP B . 11.72 9.56 -0.02
C4 GQP B . 11.24 7.55 -0.97
C5 GQP B . 12.22 8.53 -0.81
C6 GQP B . 13.46 8.37 -1.41
C7 GQP B . 10.50 9.20 0.29
C8 GQP B . 8.88 7.30 -0.06
C10 GQP B . 9.18 5.06 1.06
C13 GQP B . 9.00 6.20 3.55
C1 GQP B . 13.70 7.22 -2.12
C11 GQP B . 9.29 4.27 2.18
C12 GQP B . 9.20 4.87 3.41
C14 GQP B . 8.90 6.98 2.42
C2 GQP B . 12.70 6.25 -2.28
C3 GQP B . 11.47 6.39 -1.69
C9 GQP B . 8.97 6.42 1.16
F1 GQP B . 9.31 4.10 4.53
N2 GQP B . 10.14 8.01 -0.26
S DMS C . 5.99 18.14 -12.91
O DMS C . 4.81 18.91 -13.43
C1 DMS C . 5.88 16.56 -13.69
C2 DMS C . 7.41 18.74 -13.80
S DMS D . -15.15 7.98 8.46
O DMS D . -16.31 8.96 8.53
C1 DMS D . -14.18 8.53 7.09
C2 DMS D . -14.02 8.39 9.78
S DMS E . 22.67 -21.07 7.91
O DMS E . 21.68 -22.20 8.08
C1 DMS E . 22.68 -20.19 9.42
C2 DMS E . 24.30 -21.77 8.08
S DMS F . 0.04 3.62 -3.47
O DMS F . 1.41 3.53 -4.08
C1 DMS F . -0.30 2.00 -2.80
C2 DMS F . 0.23 4.51 -1.96
#